data_4E8V
#
_entry.id   4E8V
#
_cell.length_a   88.727
_cell.length_b   96.548
_cell.length_c   227.673
_cell.angle_alpha   90.00
_cell.angle_beta   90.00
_cell.angle_gamma   90.00
#
_symmetry.space_group_name_H-M   'P 21 21 21'
#
loop_
_entity.id
_entity.type
_entity.pdbx_description
1 polymer 'Group IIC intron'
2 non-polymer 'MAGNESIUM ION'
3 non-polymer 'BARIUM ION'
4 non-polymer 'POTASSIUM ION'
5 non-polymer '4-(2-HYDROXYETHYL)-1-PIPERAZINE ETHANESULFONIC ACID'
6 water water
#
_entity_poly.entity_id   1
_entity_poly.type   'polyribonucleotide'
_entity_poly.pdbx_seq_one_letter_code
;GGGGUGUGCCCGGCAUGGGUGCAGUCUAUAGGGUGAGAGUCCCGAACUGUGAAGGCAGAAGUAACAGUUAGCCUAACGCA
AGGGUGUCCGUGGCGACAUGGAAUCUGAAGGAAGCGGACGGCAAACCUUCGGUCUGAGGAACACGAACUUCAUAUGAGGC
UAGGUAUCAAUGGAUGAGUUUGCAUAACAAAACAAAGUCCUUUCUGCCAAAGUUGGUACAGAGUAAAUGAAGCAGAUUGA
UGAAGGGAAAGACUGCAUUCUUACCCGGGGAGGUCUGGAAACAGAAGUCAGCAGAAGUCAUAGUACCCUGUUCGCAGGGG
AAGGACGGAACAAGUAUGGCGUUCGCGCCUAAGCUUGAACCGCCGUAUACCGAACGGUACGUACGGUGGUGUG
;
_entity_poly.pdbx_strand_id   A
#
loop_
_chem_comp.id
_chem_comp.type
_chem_comp.name
_chem_comp.formula
A RNA linking ADENOSINE-5'-MONOPHOSPHATE 'C10 H14 N5 O7 P'
BA non-polymer 'BARIUM ION' 'Ba 2'
C RNA linking CYTIDINE-5'-MONOPHOSPHATE 'C9 H14 N3 O8 P'
EPE non-polymer '4-(2-HYDROXYETHYL)-1-PIPERAZINE ETHANESULFONIC ACID' 'C8 H18 N2 O4 S'
G RNA linking GUANOSINE-5'-MONOPHOSPHATE 'C10 H14 N5 O8 P'
K non-polymer 'POTASSIUM ION' 'K 1'
MG non-polymer 'MAGNESIUM ION' 'Mg 2'
U RNA linking URIDINE-5'-MONOPHOSPHATE 'C9 H13 N2 O9 P'
#
# COMPACT_ATOMS: atom_id res chain seq x y z
MG MG B . 7.35 -7.44 4.66
MG MG C . 21.05 31.20 1.55
MG MG D . -5.37 15.01 25.46
MG MG E . 6.41 -31.27 -3.20
MG MG F . -4.58 -7.48 -27.60
BA BA G . 9.35 -6.36 -19.78
BA BA H . 0.39 2.59 -15.69
BA BA I . -11.99 -16.09 -4.72
BA BA J . -3.20 -23.97 -30.55
BA BA K . 10.47 28.96 23.81
BA BA L . -17.18 25.93 27.39
BA BA M . 0.62 22.44 7.66
BA BA N . -2.61 -38.67 -16.10
BA BA O . 8.59 -48.82 -18.33
BA BA P . 14.93 -32.90 1.56
BA BA Q . -3.09 -27.88 -6.79
BA BA R . -1.96 13.05 19.43
BA BA S . -8.96 -26.27 -23.13
BA BA T . 2.37 -15.26 -33.17
BA BA U . 12.11 36.25 2.89
BA BA V . -1.59 -8.58 -64.29
BA BA W . -9.48 24.81 25.49
BA BA X . -2.72 -36.49 -7.49
BA BA Y . 6.67 35.78 -1.17
BA BA Z . 7.37 -11.38 -11.90
BA BA AA . 16.27 -23.18 7.30
BA BA BA . 4.26 -7.14 -21.63
BA BA CA . -4.54 -12.25 -49.58
BA BA DA . 15.76 -46.90 1.19
BA BA EA . 21.70 27.34 15.25
BA BA FA . 28.15 42.55 10.12
BA BA GA . 4.38 -48.35 -3.42
BA BA HA . -23.63 33.36 30.47
BA BA IA . -0.69 27.15 19.52
BA BA JA . -4.91 14.28 -30.56
BA BA KA . 7.25 -2.65 -17.98
BA BA LA . -19.97 -13.94 -0.66
BA BA MA . -3.41 -25.78 -34.95
BA BA NA . 3.57 -10.25 2.53
BA BA OA . -9.75 13.02 -35.35
BA BA PA . 23.14 22.38 -27.10
BA BA QA . -3.41 -19.12 -19.51
BA BA RA . -5.20 -23.60 -2.24
BA BA SA . 16.94 -42.20 0.47
BA BA TA . -25.71 34.46 18.10
BA BA UA . 23.96 32.37 12.20
BA BA VA . 24.71 7.65 -20.22
K K WA . -16.86 -3.04 8.64
K K XA . 4.97 -46.13 -17.87
S EPE YA . 13.22 -29.24 3.37
O1S EPE YA . 12.95 -28.19 2.38
O2S EPE YA . 14.66 -29.32 3.61
O3S EPE YA . 12.64 -30.52 2.97
S EPE ZA . 15.77 -15.16 8.85
O1S EPE ZA . 16.65 -15.11 7.70
O2S EPE ZA . 15.03 -16.41 8.90
O3S EPE ZA . 14.87 -14.01 8.87
C10 EPE AB . -27.77 -34.70 -12.09
S EPE AB . -28.08 -33.05 -11.41
O1S EPE AB . -28.96 -33.14 -10.26
O2S EPE AB . -28.69 -32.21 -12.43
O3S EPE AB . -26.82 -32.47 -10.99
C10 EPE BB . 6.02 10.93 18.08
S EPE BB . 5.75 10.48 16.36
O1S EPE BB . 7.06 10.58 15.76
O2S EPE BB . 4.93 11.48 15.72
O3S EPE BB . 5.09 9.17 16.29
K K CB . 13.34 -20.65 6.42
N1 EPE DB . -9.88 31.66 9.31
C2 EPE DB . -9.85 30.50 10.20
C3 EPE DB . -10.34 31.00 11.54
N4 EPE DB . -11.25 32.13 11.35
C5 EPE DB . -12.11 32.08 10.20
C6 EPE DB . -11.24 32.10 8.97
C7 EPE DB . -11.59 33.12 12.38
C8 EPE DB . -10.78 34.43 12.43
O8 EPE DB . -10.75 35.08 11.18
C9 EPE DB . -9.33 31.26 8.02
C10 EPE DB . -10.22 30.16 7.46
S EPE DB . -9.89 29.54 5.79
O1S EPE DB . -8.65 30.02 5.20
O2S EPE DB . -10.98 29.92 4.93
O3S EPE DB . -9.86 28.09 5.85
C10 EPE EB . 0.28 -2.87 12.26
S EPE EB . 1.61 -2.01 13.11
O1S EPE EB . 2.11 -0.99 12.20
O2S EPE EB . 2.65 -2.94 13.48
O3S EPE EB . 1.12 -1.35 14.32
K K FB . 19.38 23.41 20.99
#